data_2OWY
#
_entry.id   2OWY
#
_cell.length_a   87.494
_cell.length_b   116.041
_cell.length_c   76.028
_cell.angle_alpha   90.000
_cell.angle_beta   90.000
_cell.angle_gamma   90.000
#
_symmetry.space_group_name_H-M   'P 21 21 2'
#
_entity_poly.entity_id   1
_entity_poly.type   'polypeptide(L)'
_entity_poly.pdbx_seq_one_letter_code
;MWFRNLLVYRLTQDLQLDADSLEKALGEKSARPCASQELTTYGFTAPFGKGPDAPLVHVSQDFFLISARKEERILPGSVV
RDALKEKVDEIEAQQMRKVYKKERDQLKDEIVQTLLPRAFIRRSSTFAAIAPSLGLILVDSASAKKAEDLLSTLREALGS
LPVRPLSVKVAPTATLTDWVKTQEAAGDFHVLDECELRDTHEDGGVVRCKRQDLTSEEIQLHLTAGKLVTQLSLAWSDKL
SFVLDDKLAVKRLRFEDLLQEQAEKDGGEDALGQLDASFTLMMLTFAEFLPALFEALGGEEIPQGV
;
_entity_poly.pdbx_strand_id   A,B
#
# COMPACT_ATOMS: atom_id res chain seq x y z
N MET A 1 -21.79 -11.38 12.55
CA MET A 1 -20.89 -10.55 11.72
C MET A 1 -20.65 -11.26 10.39
N TRP A 2 -20.36 -10.50 9.34
CA TRP A 2 -20.10 -11.08 8.02
C TRP A 2 -18.62 -11.03 7.65
N PHE A 3 -18.00 -12.20 7.52
CA PHE A 3 -16.59 -12.30 7.17
C PHE A 3 -16.27 -11.54 5.89
N ARG A 4 -15.08 -10.95 5.82
CA ARG A 4 -14.67 -10.21 4.65
C ARG A 4 -13.63 -10.97 3.85
N ASN A 5 -13.15 -12.06 4.45
CA ASN A 5 -12.15 -12.95 3.84
C ASN A 5 -12.31 -14.36 4.40
N LEU A 6 -11.78 -15.35 3.69
CA LEU A 6 -11.91 -16.72 4.17
C LEU A 6 -10.78 -17.67 3.81
N LEU A 7 -10.21 -18.29 4.85
CA LEU A 7 -9.18 -19.30 4.71
C LEU A 7 -9.79 -20.49 5.43
N VAL A 8 -9.76 -21.66 4.79
CA VAL A 8 -10.36 -22.84 5.37
C VAL A 8 -9.33 -23.85 5.90
N TYR A 9 -9.66 -24.41 7.05
CA TYR A 9 -8.84 -25.38 7.74
C TYR A 9 -9.63 -26.62 8.11
N ARG A 10 -9.14 -27.78 7.69
CA ARG A 10 -9.80 -29.06 7.93
C ARG A 10 -9.33 -29.76 9.19
N LEU A 11 -10.28 -30.12 10.04
CA LEU A 11 -9.97 -30.85 11.27
C LEU A 11 -9.65 -32.28 10.90
N THR A 12 -8.42 -32.72 11.16
CA THR A 12 -8.02 -34.08 10.83
C THR A 12 -8.45 -35.13 11.85
N GLN A 13 -9.15 -34.70 12.88
CA GLN A 13 -9.62 -35.62 13.92
C GLN A 13 -10.72 -34.94 14.68
N ASP A 14 -11.46 -35.69 15.47
CA ASP A 14 -12.53 -35.09 16.24
C ASP A 14 -12.01 -34.18 17.36
N LEU A 15 -12.70 -33.07 17.55
CA LEU A 15 -12.34 -32.07 18.55
C LEU A 15 -13.27 -32.17 19.76
N GLN A 16 -12.73 -32.57 20.92
CA GLN A 16 -13.53 -32.70 22.15
C GLN A 16 -14.59 -31.58 22.17
N LEU A 17 -14.12 -30.37 22.40
CA LEU A 17 -14.93 -29.15 22.39
C LEU A 17 -16.23 -28.98 23.17
N ASP A 18 -16.11 -28.41 24.36
CA ASP A 18 -17.27 -28.10 25.19
C ASP A 18 -17.22 -26.58 25.27
N ALA A 19 -18.35 -25.94 24.98
CA ALA A 19 -18.41 -24.48 25.03
C ALA A 19 -17.61 -23.91 26.20
N ASP A 20 -18.05 -24.19 27.42
CA ASP A 20 -17.35 -23.66 28.60
C ASP A 20 -15.93 -24.21 28.70
N SER A 21 -15.70 -25.41 28.20
CA SER A 21 -14.36 -25.98 28.24
C SER A 21 -13.50 -25.07 27.36
N LEU A 22 -14.01 -24.73 26.19
CA LEU A 22 -13.30 -23.84 25.26
C LEU A 22 -13.16 -22.42 25.83
N GLU A 23 -14.25 -21.89 26.40
CA GLU A 23 -14.24 -20.53 26.97
C GLU A 23 -13.18 -20.46 28.06
N LYS A 24 -13.08 -21.51 28.86
CA LYS A 24 -12.10 -21.56 29.94
C LYS A 24 -10.69 -21.42 29.36
N ALA A 25 -10.36 -22.33 28.44
CA ALA A 25 -9.06 -22.39 27.78
C ALA A 25 -8.57 -21.08 27.14
N LEU A 26 -9.43 -20.44 26.35
CA LEU A 26 -9.08 -19.19 25.69
C LEU A 26 -8.71 -18.11 26.70
N GLY A 27 -9.30 -18.16 27.89
CA GLY A 27 -9.00 -17.18 28.93
C GLY A 27 -7.57 -17.28 29.41
N GLU A 28 -7.00 -18.47 29.33
CA GLU A 28 -5.62 -18.72 29.73
C GLU A 28 -4.71 -18.08 28.70
N LYS A 29 -5.27 -17.73 27.55
CA LYS A 29 -4.52 -17.09 26.47
C LYS A 29 -5.30 -15.87 26.00
N SER A 30 -5.75 -15.05 26.94
CA SER A 30 -6.51 -13.88 26.57
C SER A 30 -5.64 -12.70 26.15
N ALA A 31 -6.25 -11.75 25.45
CA ALA A 31 -5.55 -10.56 25.01
C ALA A 31 -5.20 -9.75 26.24
N ARG A 32 -4.09 -9.03 26.16
CA ARG A 32 -3.66 -8.20 27.26
C ARG A 32 -3.01 -6.95 26.71
N PRO A 33 -3.13 -5.83 27.45
CA PRO A 33 -2.52 -4.59 26.98
C PRO A 33 -1.01 -4.70 26.82
N CYS A 34 -0.47 -3.89 25.92
CA CYS A 34 0.96 -3.88 25.62
C CYS A 34 1.75 -3.23 26.75
N ALA A 35 2.82 -3.90 27.18
CA ALA A 35 3.68 -3.38 28.23
C ALA A 35 4.49 -2.24 27.60
N SER A 36 4.68 -1.15 28.34
CA SER A 36 5.39 0.01 27.81
C SER A 36 6.76 -0.32 27.18
N GLN A 37 7.30 -1.50 27.49
CA GLN A 37 8.59 -1.91 26.92
C GLN A 37 8.38 -3.11 26.02
N GLU A 38 7.12 -3.40 25.72
CA GLU A 38 6.71 -4.55 24.90
C GLU A 38 6.35 -4.14 23.47
N LEU A 39 6.68 -5.00 22.50
CA LEU A 39 6.39 -4.71 21.08
C LEU A 39 4.98 -5.09 20.63
N THR A 40 4.58 -6.31 20.97
CA THR A 40 3.25 -6.80 20.57
C THR A 40 2.71 -7.85 21.54
N THR A 41 1.39 -7.92 21.65
CA THR A 41 0.72 -8.91 22.49
C THR A 41 -0.31 -9.57 21.60
N TYR A 42 -0.68 -10.81 21.91
CA TYR A 42 -1.64 -11.52 21.09
C TYR A 42 -2.46 -12.50 21.93
N GLY A 43 -3.78 -12.31 21.96
CA GLY A 43 -4.63 -13.21 22.72
C GLY A 43 -6.10 -13.09 22.36
N PHE A 44 -6.95 -13.87 23.00
CA PHE A 44 -8.38 -13.85 22.69
C PHE A 44 -9.24 -12.78 23.37
N THR A 45 -10.32 -12.40 22.71
CA THR A 45 -11.29 -11.40 23.20
C THR A 45 -12.70 -11.76 22.80
N ALA A 46 -13.64 -11.11 23.47
CA ALA A 46 -15.04 -11.33 23.17
C ALA A 46 -15.27 -10.92 21.73
N PRO A 47 -15.70 -11.85 20.88
CA PRO A 47 -15.93 -11.51 19.48
C PRO A 47 -17.03 -10.44 19.39
N PHE A 48 -18.10 -10.66 20.14
CA PHE A 48 -19.22 -9.76 20.23
C PHE A 48 -19.19 -9.41 21.72
N GLY A 49 -19.81 -8.30 22.11
CA GLY A 49 -19.86 -7.97 23.53
C GLY A 49 -18.67 -7.24 24.12
N LYS A 50 -18.98 -6.16 24.84
CA LYS A 50 -17.96 -5.35 25.49
C LYS A 50 -18.01 -5.63 26.99
N GLY A 51 -17.09 -5.06 27.74
CA GLY A 51 -17.04 -5.29 29.16
C GLY A 51 -15.99 -6.36 29.43
N PRO A 52 -15.49 -6.46 30.66
CA PRO A 52 -14.47 -7.46 31.00
C PRO A 52 -15.04 -8.85 31.28
N ASP A 53 -16.36 -8.94 31.44
CA ASP A 53 -17.01 -10.23 31.71
C ASP A 53 -17.78 -10.77 30.50
N ALA A 54 -17.51 -10.20 29.33
CA ALA A 54 -18.14 -10.63 28.09
C ALA A 54 -17.42 -11.92 27.66
N PRO A 55 -18.20 -12.92 27.20
CA PRO A 55 -17.66 -14.21 26.75
C PRO A 55 -16.63 -14.15 25.63
N LEU A 56 -15.65 -15.04 25.71
CA LEU A 56 -14.60 -15.14 24.69
C LEU A 56 -15.10 -15.96 23.49
N VAL A 57 -16.15 -16.75 23.70
CA VAL A 57 -16.73 -17.54 22.62
C VAL A 57 -18.24 -17.34 22.51
N HIS A 58 -18.72 -17.21 21.28
CA HIS A 58 -20.14 -17.00 21.03
C HIS A 58 -20.74 -18.20 20.30
N VAL A 59 -21.72 -18.82 20.94
CA VAL A 59 -22.37 -20.00 20.41
C VAL A 59 -23.73 -19.79 19.74
N SER A 60 -23.90 -20.38 18.55
CA SER A 60 -25.14 -20.31 17.79
C SER A 60 -25.30 -21.69 17.14
N GLN A 61 -26.16 -22.52 17.72
CA GLN A 61 -26.36 -23.90 17.24
C GLN A 61 -25.04 -24.61 17.56
N ASP A 62 -24.41 -25.21 16.56
CA ASP A 62 -23.14 -25.89 16.77
C ASP A 62 -21.98 -25.09 16.16
N PHE A 63 -22.15 -23.77 16.06
CA PHE A 63 -21.11 -22.90 15.52
C PHE A 63 -20.52 -22.05 16.64
N PHE A 64 -19.19 -22.03 16.74
CA PHE A 64 -18.48 -21.29 17.77
C PHE A 64 -17.65 -20.17 17.17
N LEU A 65 -17.93 -18.93 17.57
CA LEU A 65 -17.21 -17.77 17.08
C LEU A 65 -16.21 -17.31 18.12
N ILE A 66 -14.96 -17.12 17.72
CA ILE A 66 -13.93 -16.67 18.65
C ILE A 66 -13.19 -15.53 17.97
N SER A 67 -12.33 -14.86 18.72
CA SER A 67 -11.58 -13.75 18.16
C SER A 67 -10.26 -13.54 18.86
N ALA A 68 -9.24 -13.23 18.08
CA ALA A 68 -7.91 -12.99 18.64
C ALA A 68 -7.58 -11.54 18.36
N ARG A 69 -6.99 -10.88 19.35
CA ARG A 69 -6.63 -9.49 19.19
C ARG A 69 -5.15 -9.32 19.36
N LYS A 70 -4.59 -8.52 18.47
CA LYS A 70 -3.18 -8.20 18.49
C LYS A 70 -3.06 -6.73 18.80
N GLU A 71 -2.14 -6.41 19.71
CA GLU A 71 -1.87 -5.04 20.09
C GLU A 71 -0.43 -4.83 19.67
N GLU A 72 -0.16 -3.66 19.11
CA GLU A 72 1.18 -3.39 18.64
C GLU A 72 1.52 -1.93 18.82
N ARG A 73 2.73 -1.65 19.28
CA ARG A 73 3.18 -0.27 19.48
C ARG A 73 3.67 0.33 18.16
N ILE A 74 3.25 1.55 17.87
CA ILE A 74 3.64 2.23 16.62
C ILE A 74 5.03 2.85 16.69
N LEU A 75 6.03 2.09 16.28
CA LEU A 75 7.40 2.57 16.30
C LEU A 75 7.95 2.54 14.88
N PRO A 76 7.57 3.52 14.06
CA PRO A 76 8.02 3.61 12.67
C PRO A 76 9.54 3.57 12.60
N GLY A 77 10.09 2.57 11.90
CA GLY A 77 11.53 2.47 11.78
C GLY A 77 12.13 3.82 11.45
N SER A 78 11.31 4.65 10.79
CA SER A 78 11.72 5.99 10.39
C SER A 78 12.16 6.82 11.59
N VAL A 79 11.31 6.88 12.62
CA VAL A 79 11.60 7.65 13.82
C VAL A 79 12.76 7.08 14.64
N VAL A 80 12.96 5.76 14.55
CA VAL A 80 14.04 5.09 15.27
C VAL A 80 15.39 5.46 14.68
N ARG A 81 15.42 5.65 13.36
CA ARG A 81 16.66 6.01 12.68
C ARG A 81 16.93 7.51 12.83
N ASP A 82 15.91 8.32 12.62
CA ASP A 82 16.04 9.78 12.73
C ASP A 82 16.55 10.20 14.10
N ALA A 83 16.29 9.37 15.10
CA ALA A 83 16.71 9.67 16.46
C ALA A 83 18.22 9.60 16.64
N LEU A 84 18.86 8.68 15.90
CA LEU A 84 20.31 8.49 15.96
C LEU A 84 21.06 9.68 15.36
N LYS A 85 20.75 9.98 14.11
CA LYS A 85 21.39 11.08 13.40
C LYS A 85 21.32 12.36 14.20
N GLU A 86 20.60 12.32 15.32
CA GLU A 86 20.46 13.47 16.20
C GLU A 86 21.28 13.22 17.47
N LYS A 87 21.37 11.95 17.85
CA LYS A 87 22.12 11.54 19.04
C LYS A 87 23.61 11.61 18.74
N VAL A 88 23.96 11.18 17.53
CA VAL A 88 25.34 11.18 17.07
C VAL A 88 25.94 12.58 17.10
N ASP A 89 25.24 13.55 16.52
CA ASP A 89 25.71 14.93 16.49
C ASP A 89 26.20 15.44 17.85
N GLU A 90 25.38 15.26 18.88
CA GLU A 90 25.76 15.73 20.21
C GLU A 90 27.08 15.12 20.64
N ILE A 91 27.19 13.81 20.51
CA ILE A 91 28.42 13.10 20.89
C ILE A 91 29.65 13.61 20.15
N GLU A 92 29.54 13.71 18.82
CA GLU A 92 30.65 14.14 17.96
C GLU A 92 31.07 15.61 18.10
N ALA A 93 30.18 16.45 18.64
CA ALA A 93 30.52 17.86 18.81
C ALA A 93 31.03 18.13 20.23
N GLN A 94 31.09 17.08 21.04
CA GLN A 94 31.53 17.20 22.43
C GLN A 94 32.61 16.22 22.87
N GLN A 95 32.64 15.03 22.27
CA GLN A 95 33.62 14.01 22.65
C GLN A 95 34.76 13.75 21.66
N MET A 96 35.08 14.75 20.84
CA MET A 96 36.15 14.67 19.86
C MET A 96 36.42 13.28 19.26
N ARG A 97 35.35 12.60 18.86
CA ARG A 97 35.46 11.28 18.26
C ARG A 97 34.24 10.99 17.38
N LYS A 98 34.34 9.95 16.57
CA LYS A 98 33.22 9.59 15.69
C LYS A 98 32.45 8.43 16.31
N VAL A 99 31.20 8.30 15.93
CA VAL A 99 30.35 7.23 16.41
C VAL A 99 30.42 6.11 15.38
N TYR A 100 30.65 4.88 15.83
CA TYR A 100 30.76 3.76 14.91
C TYR A 100 29.71 2.66 15.09
N LYS A 101 29.70 1.75 14.12
CA LYS A 101 28.81 0.59 14.04
C LYS A 101 28.19 0.10 15.36
N LYS A 102 29.00 -0.53 16.19
CA LYS A 102 28.57 -1.06 17.48
C LYS A 102 28.07 0.00 18.45
N GLU A 103 28.53 1.24 18.27
CA GLU A 103 28.12 2.35 19.13
C GLU A 103 26.69 2.74 18.77
N ARG A 104 26.48 3.07 17.50
CA ARG A 104 25.16 3.46 17.00
C ARG A 104 24.15 2.36 17.28
N ASP A 105 24.61 1.12 17.16
CA ASP A 105 23.79 -0.06 17.40
C ASP A 105 23.26 -0.01 18.83
N GLN A 106 24.15 0.37 19.74
CA GLN A 106 23.80 0.48 21.15
C GLN A 106 22.80 1.60 21.37
N LEU A 107 23.15 2.78 20.87
CA LEU A 107 22.31 3.97 21.01
C LEU A 107 20.91 3.76 20.45
N LYS A 108 20.77 2.82 19.51
CA LYS A 108 19.47 2.53 18.91
C LYS A 108 18.59 1.81 19.92
N ASP A 109 19.18 0.85 20.62
CA ASP A 109 18.43 0.08 21.62
C ASP A 109 17.94 0.99 22.72
N GLU A 110 18.72 2.03 23.02
CA GLU A 110 18.37 2.97 24.08
C GLU A 110 17.27 3.93 23.62
N ILE A 111 17.27 4.22 22.32
CA ILE A 111 16.26 5.10 21.75
C ILE A 111 14.93 4.37 21.78
N VAL A 112 14.95 3.10 21.38
CA VAL A 112 13.76 2.29 21.38
C VAL A 112 13.19 2.23 22.79
N GLN A 113 14.03 1.81 23.74
CA GLN A 113 13.63 1.71 25.14
C GLN A 113 13.01 3.01 25.64
N THR A 114 13.46 4.13 25.10
CA THR A 114 12.95 5.44 25.49
C THR A 114 11.65 5.79 24.75
N LEU A 115 11.60 5.44 23.47
CA LEU A 115 10.45 5.77 22.66
C LEU A 115 9.29 4.78 22.72
N LEU A 116 9.56 3.52 22.99
CA LEU A 116 8.47 2.55 23.06
C LEU A 116 7.33 3.04 23.95
N PRO A 117 7.60 3.28 25.24
CA PRO A 117 6.56 3.74 26.16
C PRO A 117 5.72 4.94 25.68
N ARG A 118 6.25 5.73 24.76
CA ARG A 118 5.54 6.89 24.26
C ARG A 118 4.72 6.58 23.00
N ALA A 119 4.97 5.41 22.41
CA ALA A 119 4.29 4.98 21.19
C ALA A 119 2.80 4.68 21.31
N PHE A 120 2.04 5.08 20.29
CA PHE A 120 0.61 4.80 20.25
C PHE A 120 0.44 3.32 19.94
N ILE A 121 -0.70 2.77 20.30
CA ILE A 121 -0.98 1.37 20.06
C ILE A 121 -2.00 1.14 18.96
N ARG A 122 -1.75 0.11 18.17
CA ARG A 122 -2.64 -0.27 17.07
C ARG A 122 -3.22 -1.63 17.39
N ARG A 123 -4.54 -1.72 17.43
CA ARG A 123 -5.19 -2.98 17.75
C ARG A 123 -5.88 -3.55 16.52
N SER A 124 -5.76 -4.85 16.34
CA SER A 124 -6.35 -5.51 15.18
C SER A 124 -6.93 -6.84 15.58
N SER A 125 -8.05 -7.19 14.96
CA SER A 125 -8.74 -8.44 15.27
C SER A 125 -8.83 -9.46 14.16
N THR A 126 -8.95 -10.71 14.56
CA THR A 126 -9.12 -11.81 13.61
C THR A 126 -10.15 -12.75 14.21
N PHE A 127 -11.27 -12.89 13.52
CA PHE A 127 -12.34 -13.75 13.96
C PHE A 127 -12.17 -15.13 13.33
N ALA A 128 -12.49 -16.17 14.09
CA ALA A 128 -12.39 -17.53 13.60
C ALA A 128 -13.67 -18.22 13.98
N ALA A 129 -14.16 -19.09 13.10
CA ALA A 129 -15.37 -19.83 13.38
C ALA A 129 -15.02 -21.30 13.43
N ILE A 130 -15.53 -21.98 14.46
CA ILE A 130 -15.29 -23.40 14.65
C ILE A 130 -16.61 -24.11 14.45
N ALA A 131 -16.66 -24.96 13.43
CA ALA A 131 -17.84 -25.73 13.12
C ALA A 131 -17.49 -27.23 13.22
N PRO A 132 -17.58 -27.79 14.42
CA PRO A 132 -17.29 -29.20 14.72
C PRO A 132 -18.09 -30.15 13.84
N SER A 133 -19.38 -29.86 13.73
CA SER A 133 -20.27 -30.69 12.93
C SER A 133 -19.97 -30.56 11.43
N LEU A 134 -18.81 -30.01 11.11
CA LEU A 134 -18.42 -29.85 9.71
C LEU A 134 -16.94 -30.12 9.61
N GLY A 135 -16.30 -30.25 10.78
CA GLY A 135 -14.87 -30.52 10.83
C GLY A 135 -14.03 -29.38 10.28
N LEU A 136 -14.56 -28.16 10.30
CA LEU A 136 -13.82 -27.02 9.78
C LEU A 136 -13.61 -25.90 10.78
N ILE A 137 -12.57 -25.11 10.55
CA ILE A 137 -12.29 -23.93 11.33
C ILE A 137 -12.14 -22.89 10.23
N LEU A 138 -12.94 -21.83 10.29
CA LEU A 138 -12.91 -20.79 9.29
C LEU A 138 -12.27 -19.54 9.84
N VAL A 139 -11.20 -19.07 9.21
CA VAL A 139 -10.51 -17.87 9.67
C VAL A 139 -10.83 -16.71 8.73
N ASP A 140 -11.29 -15.60 9.33
CA ASP A 140 -11.66 -14.38 8.62
C ASP A 140 -10.44 -13.55 8.26
N SER A 141 -9.62 -14.06 7.34
CA SER A 141 -8.41 -13.36 6.94
C SER A 141 -7.96 -13.77 5.54
N ALA A 142 -7.25 -12.86 4.87
CA ALA A 142 -6.72 -13.14 3.54
C ALA A 142 -5.31 -13.71 3.73
N SER A 143 -4.64 -13.24 4.78
CA SER A 143 -3.28 -13.65 5.14
C SER A 143 -3.18 -15.01 5.84
N ALA A 144 -2.43 -15.93 5.25
CA ALA A 144 -2.27 -17.24 5.85
C ALA A 144 -1.48 -17.10 7.15
N LYS A 145 -0.60 -16.11 7.21
CA LYS A 145 0.18 -15.87 8.42
C LYS A 145 -0.75 -15.57 9.59
N LYS A 146 -1.63 -14.58 9.42
CA LYS A 146 -2.59 -14.19 10.43
C LYS A 146 -3.32 -15.42 10.97
N ALA A 147 -3.82 -16.25 10.06
CA ALA A 147 -4.52 -17.46 10.45
C ALA A 147 -3.64 -18.42 11.24
N GLU A 148 -2.40 -18.61 10.82
CA GLU A 148 -1.51 -19.51 11.53
C GLU A 148 -1.29 -18.97 12.94
N ASP A 149 -1.24 -17.64 13.06
CA ASP A 149 -1.06 -17.02 14.37
C ASP A 149 -2.26 -17.29 15.27
N LEU A 150 -3.44 -17.30 14.69
CA LEU A 150 -4.67 -17.57 15.44
C LEU A 150 -4.70 -19.04 15.79
N LEU A 151 -4.45 -19.90 14.82
CA LEU A 151 -4.46 -21.34 15.03
C LEU A 151 -3.39 -21.81 16.03
N SER A 152 -2.25 -21.14 16.02
CA SER A 152 -1.17 -21.48 16.94
C SER A 152 -1.55 -21.15 18.37
N THR A 153 -2.07 -19.95 18.59
CA THR A 153 -2.47 -19.55 19.92
C THR A 153 -3.63 -20.43 20.36
N LEU A 154 -4.50 -20.80 19.42
CA LEU A 154 -5.62 -21.65 19.77
C LEU A 154 -5.04 -23.03 20.18
N ARG A 155 -4.04 -23.52 19.44
CA ARG A 155 -3.42 -24.81 19.78
C ARG A 155 -2.74 -24.72 21.15
N GLU A 156 -2.09 -23.60 21.39
CA GLU A 156 -1.42 -23.36 22.64
C GLU A 156 -2.47 -23.40 23.75
N ALA A 157 -3.56 -22.68 23.53
CA ALA A 157 -4.67 -22.59 24.49
C ALA A 157 -5.41 -23.89 24.78
N LEU A 158 -5.53 -24.76 23.78
CA LEU A 158 -6.24 -26.02 23.93
C LEU A 158 -5.40 -27.25 24.22
N GLY A 159 -4.11 -27.20 23.89
CA GLY A 159 -3.28 -28.36 24.10
C GLY A 159 -2.91 -28.97 22.77
N SER A 160 -3.90 -29.11 21.89
CA SER A 160 -3.63 -29.64 20.57
C SER A 160 -4.73 -29.20 19.61
N LEU A 161 -4.36 -29.02 18.35
CA LEU A 161 -5.30 -28.59 17.32
C LEU A 161 -4.95 -29.31 16.02
N PRO A 162 -5.56 -30.47 15.79
CA PRO A 162 -5.31 -31.24 14.57
C PRO A 162 -6.06 -30.69 13.36
N VAL A 163 -5.40 -29.81 12.61
CA VAL A 163 -6.03 -29.23 11.44
C VAL A 163 -4.98 -29.02 10.39
N ARG A 164 -5.41 -29.09 9.14
CA ARG A 164 -4.53 -28.84 8.03
C ARG A 164 -5.30 -27.89 7.11
N PRO A 165 -4.59 -27.05 6.35
CA PRO A 165 -5.32 -26.15 5.45
C PRO A 165 -6.01 -26.96 4.38
N LEU A 166 -7.13 -26.45 3.89
CA LEU A 166 -7.88 -27.11 2.83
C LEU A 166 -6.99 -27.35 1.60
N SER A 167 -7.26 -28.43 0.88
CA SER A 167 -6.55 -28.73 -0.36
C SER A 167 -7.54 -29.54 -1.16
N VAL A 168 -7.53 -29.40 -2.47
CA VAL A 168 -8.47 -30.15 -3.29
C VAL A 168 -7.73 -31.07 -4.23
N LYS A 169 -8.44 -32.04 -4.77
CA LYS A 169 -7.83 -33.03 -5.64
C LYS A 169 -7.23 -32.56 -6.96
N VAL A 170 -7.74 -31.46 -7.50
CA VAL A 170 -7.23 -30.91 -8.76
C VAL A 170 -6.58 -29.55 -8.52
N ALA A 171 -5.44 -29.32 -9.16
CA ALA A 171 -4.73 -28.06 -9.02
C ALA A 171 -5.71 -26.89 -9.26
N PRO A 172 -5.95 -26.06 -8.24
CA PRO A 172 -6.88 -24.91 -8.36
C PRO A 172 -6.65 -24.06 -9.61
N THR A 173 -5.40 -23.70 -9.87
CA THR A 173 -5.08 -22.87 -11.02
C THR A 173 -5.54 -23.52 -12.31
N ALA A 174 -5.53 -24.85 -12.36
CA ALA A 174 -5.94 -25.53 -13.57
C ALA A 174 -7.45 -25.37 -13.69
N THR A 175 -8.16 -25.57 -12.59
CA THR A 175 -9.61 -25.42 -12.59
C THR A 175 -9.99 -23.97 -12.97
N LEU A 176 -9.41 -22.98 -12.29
CA LEU A 176 -9.74 -21.59 -12.58
C LEU A 176 -9.45 -21.24 -14.04
N THR A 177 -8.34 -21.76 -14.57
CA THR A 177 -7.96 -21.50 -15.96
C THR A 177 -8.97 -22.12 -16.91
N ASP A 178 -9.42 -23.32 -16.56
CA ASP A 178 -10.40 -24.05 -17.37
C ASP A 178 -11.77 -23.32 -17.41
N TRP A 179 -12.16 -22.69 -16.31
CA TRP A 179 -13.43 -21.98 -16.24
C TRP A 179 -13.41 -20.78 -17.17
N VAL A 180 -12.32 -20.03 -17.17
CA VAL A 180 -12.22 -18.88 -18.05
C VAL A 180 -12.14 -19.33 -19.51
N LYS A 181 -11.29 -20.32 -19.76
CA LYS A 181 -11.06 -20.88 -21.09
C LYS A 181 -12.34 -21.40 -21.77
N THR A 182 -13.13 -22.20 -21.04
CA THR A 182 -14.37 -22.76 -21.58
C THR A 182 -15.54 -21.81 -21.41
N GLN A 183 -15.29 -20.69 -20.72
CA GLN A 183 -16.30 -19.69 -20.42
C GLN A 183 -17.46 -20.25 -19.62
N GLU A 184 -17.19 -21.33 -18.89
CA GLU A 184 -18.18 -22.00 -18.04
C GLU A 184 -17.54 -22.40 -16.70
N ALA A 185 -18.19 -22.07 -15.59
CA ALA A 185 -17.69 -22.44 -14.28
C ALA A 185 -18.59 -23.57 -13.80
N ALA A 186 -18.11 -24.38 -12.87
CA ALA A 186 -18.90 -25.48 -12.35
C ALA A 186 -20.12 -25.02 -11.54
N GLY A 187 -21.25 -25.64 -11.82
CA GLY A 187 -22.53 -25.38 -11.19
C GLY A 187 -22.80 -24.37 -10.08
N ASP A 188 -23.44 -23.28 -10.47
CA ASP A 188 -23.83 -22.19 -9.58
C ASP A 188 -22.75 -21.15 -9.40
N PHE A 189 -21.52 -21.50 -9.80
CA PHE A 189 -20.46 -20.51 -9.72
C PHE A 189 -20.49 -19.74 -11.03
N HIS A 190 -20.09 -18.48 -10.96
CA HIS A 190 -20.11 -17.61 -12.13
C HIS A 190 -18.83 -16.82 -12.21
N VAL A 191 -18.32 -16.69 -13.41
CA VAL A 191 -17.10 -15.95 -13.64
C VAL A 191 -17.46 -14.49 -13.81
N LEU A 192 -16.88 -13.66 -12.95
CA LEU A 192 -17.12 -12.22 -12.99
C LEU A 192 -16.20 -11.45 -13.94
N ASP A 193 -15.83 -10.23 -13.60
CA ASP A 193 -15.01 -9.41 -14.52
C ASP A 193 -13.61 -9.05 -14.04
N GLU A 194 -12.96 -9.97 -13.36
CA GLU A 194 -11.65 -9.65 -12.85
C GLU A 194 -10.82 -10.91 -12.70
N CYS A 195 -9.54 -10.80 -13.02
CA CYS A 195 -8.66 -11.95 -12.90
C CYS A 195 -7.22 -11.57 -12.97
N GLU A 196 -6.37 -12.51 -12.59
CA GLU A 196 -4.94 -12.31 -12.66
C GLU A 196 -4.40 -13.47 -13.47
N LEU A 197 -3.64 -13.15 -14.50
CA LEU A 197 -3.08 -14.15 -15.38
C LEU A 197 -1.56 -14.13 -15.28
N ARG A 198 -0.94 -15.32 -15.38
CA ARG A 198 0.52 -15.38 -15.35
C ARG A 198 1.15 -16.58 -16.04
N ASP A 199 2.29 -16.29 -16.67
CA ASP A 199 3.09 -17.25 -17.41
C ASP A 199 3.59 -18.44 -16.62
N THR A 200 3.66 -19.58 -17.29
CA THR A 200 4.14 -20.83 -16.68
C THR A 200 5.64 -20.78 -16.33
N HIS A 201 6.41 -20.09 -17.17
CA HIS A 201 7.85 -19.98 -17.03
C HIS A 201 8.42 -18.95 -16.05
N GLU A 202 9.70 -19.14 -15.72
CA GLU A 202 10.45 -18.31 -14.80
C GLU A 202 10.44 -16.82 -15.17
N ASP A 203 10.26 -15.97 -14.16
CA ASP A 203 10.24 -14.52 -14.36
C ASP A 203 9.21 -14.12 -15.41
N GLY A 204 8.44 -15.11 -15.88
CA GLY A 204 7.42 -14.84 -16.88
C GLY A 204 6.57 -13.64 -16.51
N GLY A 205 5.57 -13.36 -17.32
CA GLY A 205 4.76 -12.20 -17.04
C GLY A 205 3.52 -12.33 -16.20
N VAL A 206 2.90 -11.18 -15.95
CA VAL A 206 1.68 -11.09 -15.18
C VAL A 206 0.78 -10.04 -15.81
N VAL A 207 -0.46 -10.44 -16.04
CA VAL A 207 -1.46 -9.56 -16.62
C VAL A 207 -2.64 -9.47 -15.64
N ARG A 208 -2.90 -8.27 -15.14
CA ARG A 208 -4.02 -8.10 -14.21
C ARG A 208 -5.16 -7.32 -14.85
N CYS A 209 -6.35 -7.93 -14.88
CA CYS A 209 -7.52 -7.31 -15.49
C CYS A 209 -8.64 -7.02 -14.49
N LYS A 210 -9.30 -5.86 -14.65
CA LYS A 210 -10.42 -5.51 -13.79
C LYS A 210 -11.44 -4.82 -14.66
N ARG A 211 -12.73 -5.04 -14.35
CA ARG A 211 -13.82 -4.47 -15.13
C ARG A 211 -13.68 -4.87 -16.59
N GLN A 212 -13.32 -6.13 -16.80
CA GLN A 212 -13.12 -6.67 -18.15
C GLN A 212 -13.98 -7.89 -18.40
N ASP A 213 -14.51 -7.98 -19.61
CA ASP A 213 -15.34 -9.13 -20.01
C ASP A 213 -14.35 -10.27 -20.27
N LEU A 214 -14.37 -11.28 -19.42
CA LEU A 214 -13.45 -12.40 -19.54
C LEU A 214 -13.74 -13.36 -20.68
N THR A 215 -14.81 -13.07 -21.45
CA THR A 215 -15.14 -13.91 -22.58
C THR A 215 -14.66 -13.28 -23.88
N SER A 216 -13.95 -12.16 -23.78
CA SER A 216 -13.43 -11.48 -24.96
C SER A 216 -12.19 -12.16 -25.54
N GLU A 217 -12.00 -12.01 -26.85
CA GLU A 217 -10.84 -12.58 -27.55
C GLU A 217 -9.51 -12.23 -26.86
N GLU A 218 -9.45 -11.05 -26.25
CA GLU A 218 -8.20 -10.65 -25.57
C GLU A 218 -7.80 -11.65 -24.51
N ILE A 219 -8.72 -11.93 -23.60
CA ILE A 219 -8.43 -12.85 -22.50
C ILE A 219 -8.18 -14.24 -23.05
N GLN A 220 -8.97 -14.64 -24.03
CA GLN A 220 -8.82 -15.93 -24.65
C GLN A 220 -7.44 -16.10 -25.27
N LEU A 221 -6.97 -15.08 -25.97
CA LEU A 221 -5.68 -15.16 -26.60
C LEU A 221 -4.56 -15.27 -25.56
N HIS A 222 -4.72 -14.62 -24.42
CA HIS A 222 -3.73 -14.71 -23.35
C HIS A 222 -3.61 -16.16 -22.87
N LEU A 223 -4.74 -16.82 -22.74
CA LEU A 223 -4.76 -18.20 -22.28
C LEU A 223 -4.17 -19.17 -23.32
N THR A 224 -4.56 -19.04 -24.58
CA THR A 224 -4.01 -19.95 -25.58
C THR A 224 -2.50 -19.70 -25.63
N ALA A 225 -2.12 -18.44 -25.41
CA ALA A 225 -0.71 -18.06 -25.38
C ALA A 225 0.03 -18.64 -24.19
N GLY A 226 -0.67 -19.32 -23.29
CA GLY A 226 -0.01 -19.93 -22.15
C GLY A 226 -0.24 -19.39 -20.75
N LYS A 227 -0.97 -18.27 -20.60
CA LYS A 227 -1.21 -17.71 -19.28
C LYS A 227 -2.12 -18.61 -18.45
N LEU A 228 -1.89 -18.62 -17.15
CA LEU A 228 -2.69 -19.41 -16.25
C LEU A 228 -3.49 -18.47 -15.36
N VAL A 229 -4.69 -18.88 -14.97
CA VAL A 229 -5.48 -18.03 -14.11
C VAL A 229 -5.07 -18.28 -12.66
N THR A 230 -4.48 -17.26 -12.03
CA THR A 230 -4.04 -17.39 -10.65
C THR A 230 -4.99 -16.74 -9.64
N GLN A 231 -5.91 -15.92 -10.12
CA GLN A 231 -6.90 -15.25 -9.28
C GLN A 231 -8.13 -14.99 -10.13
N LEU A 232 -9.31 -15.29 -9.58
CA LEU A 232 -10.54 -15.10 -10.30
C LEU A 232 -11.68 -14.57 -9.43
N SER A 233 -12.33 -13.52 -9.91
CA SER A 233 -13.45 -12.90 -9.22
C SER A 233 -14.66 -13.78 -9.54
N LEU A 234 -15.38 -14.22 -8.51
CA LEU A 234 -16.52 -15.11 -8.70
C LEU A 234 -17.78 -14.81 -7.86
N ALA A 235 -18.90 -15.32 -8.33
CA ALA A 235 -20.16 -15.21 -7.62
C ALA A 235 -20.68 -16.63 -7.45
N TRP A 236 -21.33 -16.89 -6.31
CA TRP A 236 -21.89 -18.20 -6.08
C TRP A 236 -23.39 -18.05 -5.95
N SER A 237 -24.13 -18.63 -6.89
CA SER A 237 -25.57 -18.54 -6.85
C SER A 237 -25.94 -17.05 -6.92
N ASP A 238 -26.78 -16.58 -5.99
CA ASP A 238 -27.18 -15.19 -5.98
C ASP A 238 -26.94 -14.70 -4.57
N LYS A 239 -26.12 -15.46 -3.83
CA LYS A 239 -25.82 -15.18 -2.44
C LYS A 239 -24.56 -14.42 -2.09
N LEU A 240 -23.45 -14.73 -2.76
CA LEU A 240 -22.21 -14.03 -2.42
C LEU A 240 -21.29 -13.91 -3.62
N SER A 241 -20.19 -13.21 -3.44
CA SER A 241 -19.22 -13.04 -4.51
C SER A 241 -17.87 -12.98 -3.80
N PHE A 242 -16.81 -13.26 -4.55
CA PHE A 242 -15.47 -13.25 -3.94
C PHE A 242 -14.39 -13.42 -4.97
N VAL A 243 -13.15 -13.29 -4.52
CA VAL A 243 -12.02 -13.48 -5.39
C VAL A 243 -11.34 -14.76 -4.87
N LEU A 244 -11.14 -15.73 -5.78
CA LEU A 244 -10.50 -17.00 -5.42
C LEU A 244 -9.10 -17.03 -6.02
N ASP A 245 -8.08 -17.28 -5.20
CA ASP A 245 -6.75 -17.37 -5.78
C ASP A 245 -6.32 -18.83 -5.87
N ASP A 246 -5.14 -19.08 -6.46
CA ASP A 246 -4.68 -20.44 -6.63
C ASP A 246 -4.20 -21.15 -5.36
N LYS A 247 -4.24 -20.46 -4.23
CA LYS A 247 -3.85 -21.06 -2.95
C LYS A 247 -5.14 -21.32 -2.16
N LEU A 248 -6.28 -21.21 -2.83
CA LEU A 248 -7.58 -21.40 -2.19
C LEU A 248 -7.95 -20.29 -1.19
N ALA A 249 -7.29 -19.14 -1.26
CA ALA A 249 -7.66 -18.06 -0.35
C ALA A 249 -8.92 -17.37 -0.91
N VAL A 250 -9.96 -17.30 -0.08
CA VAL A 250 -11.20 -16.65 -0.48
C VAL A 250 -11.11 -15.19 -0.06
N LYS A 251 -10.92 -14.30 -1.03
CA LYS A 251 -10.81 -12.88 -0.73
C LYS A 251 -11.98 -12.01 -1.16
N ARG A 252 -12.01 -10.80 -0.59
CA ARG A 252 -13.04 -9.79 -0.87
C ARG A 252 -14.44 -10.40 -0.79
N LEU A 253 -14.69 -11.14 0.29
CA LEU A 253 -15.97 -11.79 0.49
C LEU A 253 -17.11 -10.78 0.68
N ARG A 254 -18.12 -10.87 -0.19
CA ARG A 254 -19.27 -9.97 -0.12
C ARG A 254 -20.59 -10.74 -0.20
N PHE A 255 -21.46 -10.55 0.79
CA PHE A 255 -22.78 -11.22 0.81
C PHE A 255 -23.89 -10.33 0.27
N GLU A 256 -24.77 -10.91 -0.56
CA GLU A 256 -25.86 -10.15 -1.16
C GLU A 256 -26.85 -9.54 -0.18
N ASP A 257 -27.35 -8.37 -0.55
CA ASP A 257 -28.32 -7.60 0.25
C ASP A 257 -29.47 -8.40 0.83
N LEU A 258 -30.14 -9.19 0.00
CA LEU A 258 -31.28 -9.95 0.48
C LEU A 258 -30.87 -10.85 1.61
N LEU A 259 -29.61 -11.25 1.63
CA LEU A 259 -29.11 -12.12 2.68
C LEU A 259 -28.80 -11.33 3.93
N GLN A 260 -28.09 -10.20 3.77
CA GLN A 260 -27.77 -9.36 4.93
C GLN A 260 -29.05 -8.75 5.50
N GLU A 261 -29.95 -8.32 4.63
CA GLU A 261 -31.20 -7.72 5.07
C GLU A 261 -32.04 -8.71 5.85
N GLN A 262 -31.88 -9.98 5.50
CA GLN A 262 -32.63 -11.03 6.16
C GLN A 262 -32.15 -11.26 7.59
N ALA A 263 -30.87 -11.01 7.83
CA ALA A 263 -30.30 -11.18 9.16
C ALA A 263 -30.76 -10.00 10.02
N GLU A 264 -31.04 -8.87 9.36
CA GLU A 264 -31.51 -7.68 10.07
C GLU A 264 -32.96 -7.85 10.50
N LYS A 265 -33.74 -8.49 9.65
CA LYS A 265 -35.15 -8.74 9.92
C LYS A 265 -35.34 -9.89 10.89
N ASP A 266 -34.26 -10.57 11.25
CA ASP A 266 -34.35 -11.69 12.19
C ASP A 266 -33.54 -11.41 13.44
N GLY A 267 -32.81 -10.30 13.46
CA GLY A 267 -31.99 -9.98 14.62
C GLY A 267 -32.59 -9.07 15.67
N GLY A 268 -33.63 -8.33 15.33
CA GLY A 268 -34.25 -7.45 16.31
C GLY A 268 -33.75 -6.01 16.30
N GLU A 269 -33.84 -5.36 17.46
CA GLU A 269 -33.42 -3.96 17.59
C GLU A 269 -31.99 -3.79 18.11
N ASP A 270 -31.60 -4.63 19.07
CA ASP A 270 -30.27 -4.54 19.65
C ASP A 270 -29.18 -5.13 18.75
N ALA A 271 -28.02 -4.46 18.75
CA ALA A 271 -26.87 -4.86 17.95
C ALA A 271 -26.55 -6.35 18.10
N LEU A 272 -26.25 -6.76 19.34
CA LEU A 272 -25.91 -8.14 19.64
C LEU A 272 -26.89 -9.11 18.97
N GLY A 273 -28.15 -8.72 18.92
CA GLY A 273 -29.16 -9.56 18.30
C GLY A 273 -28.96 -9.59 16.79
N GLN A 274 -28.44 -8.50 16.24
CA GLN A 274 -28.18 -8.44 14.81
C GLN A 274 -26.95 -9.32 14.57
N LEU A 275 -25.89 -9.07 15.34
CA LEU A 275 -24.64 -9.80 15.26
C LEU A 275 -24.83 -11.33 15.31
N ASP A 276 -25.73 -11.78 16.16
CA ASP A 276 -25.98 -13.21 16.29
C ASP A 276 -26.65 -13.70 15.01
N ALA A 277 -27.63 -12.95 14.52
CA ALA A 277 -28.36 -13.35 13.33
C ALA A 277 -27.51 -13.49 12.07
N SER A 278 -26.69 -12.49 11.81
CA SER A 278 -25.84 -12.53 10.63
C SER A 278 -24.78 -13.63 10.78
N PHE A 279 -24.22 -13.79 11.98
CA PHE A 279 -23.23 -14.85 12.20
C PHE A 279 -23.85 -16.22 11.89
N THR A 280 -25.07 -16.42 12.39
CA THR A 280 -25.80 -17.68 12.19
C THR A 280 -26.02 -17.92 10.69
N LEU A 281 -26.68 -16.97 10.04
CA LEU A 281 -26.98 -17.07 8.63
C LEU A 281 -25.71 -17.23 7.78
N MET A 282 -24.61 -16.57 8.14
CA MET A 282 -23.36 -16.70 7.40
C MET A 282 -22.90 -18.18 7.45
N MET A 283 -22.89 -18.74 8.65
CA MET A 283 -22.50 -20.13 8.85
C MET A 283 -23.44 -21.05 8.08
N LEU A 284 -24.73 -20.75 8.11
CA LEU A 284 -25.71 -21.55 7.43
C LEU A 284 -25.47 -21.50 5.93
N THR A 285 -25.08 -20.34 5.39
CA THR A 285 -24.86 -20.31 3.96
C THR A 285 -23.48 -20.90 3.65
N PHE A 286 -22.53 -20.75 4.57
CA PHE A 286 -21.20 -21.34 4.37
C PHE A 286 -21.37 -22.86 4.21
N ALA A 287 -22.26 -23.44 5.03
CA ALA A 287 -22.50 -24.87 5.01
C ALA A 287 -23.01 -25.36 3.65
N GLU A 288 -23.52 -24.46 2.83
CA GLU A 288 -23.98 -24.85 1.50
C GLU A 288 -22.87 -24.54 0.50
N PHE A 289 -22.30 -23.35 0.67
CA PHE A 289 -21.25 -22.83 -0.19
C PHE A 289 -19.95 -23.64 -0.21
N LEU A 290 -19.43 -23.95 0.97
CA LEU A 290 -18.18 -24.68 1.08
C LEU A 290 -18.17 -26.05 0.40
N PRO A 291 -19.15 -26.91 0.70
CA PRO A 291 -19.09 -28.20 0.01
C PRO A 291 -19.28 -28.08 -1.49
N ALA A 292 -20.09 -27.11 -1.92
CA ALA A 292 -20.31 -26.94 -3.35
C ALA A 292 -19.05 -26.37 -4.00
N LEU A 293 -18.23 -25.68 -3.21
CA LEU A 293 -16.98 -25.11 -3.70
C LEU A 293 -15.96 -26.25 -3.88
N PHE A 294 -15.86 -27.12 -2.87
CA PHE A 294 -14.94 -28.25 -2.89
C PHE A 294 -15.26 -29.11 -4.10
N GLU A 295 -16.52 -29.47 -4.23
CA GLU A 295 -16.94 -30.29 -5.35
C GLU A 295 -16.60 -29.61 -6.69
N ALA A 296 -16.84 -28.30 -6.76
CA ALA A 296 -16.60 -27.52 -7.98
C ALA A 296 -15.13 -27.55 -8.36
N LEU A 297 -14.26 -27.55 -7.35
CA LEU A 297 -12.83 -27.58 -7.55
C LEU A 297 -12.30 -29.00 -7.69
N GLY A 298 -13.17 -29.94 -8.01
CA GLY A 298 -12.72 -31.32 -8.19
C GLY A 298 -12.80 -32.22 -6.98
N GLY A 299 -13.36 -31.71 -5.89
CA GLY A 299 -13.48 -32.51 -4.70
C GLY A 299 -12.34 -32.22 -3.75
N GLU A 300 -12.61 -32.31 -2.46
CA GLU A 300 -11.60 -32.04 -1.47
C GLU A 300 -10.62 -33.22 -1.29
N GLU A 301 -9.35 -32.90 -1.14
CA GLU A 301 -8.31 -33.89 -0.93
C GLU A 301 -8.31 -34.16 0.56
N ILE A 302 -8.99 -35.23 0.98
CA ILE A 302 -9.07 -35.58 2.39
C ILE A 302 -7.78 -36.15 3.00
N PRO A 303 -7.28 -35.50 4.07
CA PRO A 303 -6.06 -35.96 4.73
C PRO A 303 -6.29 -37.32 5.38
N GLN A 304 -5.56 -38.32 4.91
CA GLN A 304 -5.68 -39.68 5.42
C GLN A 304 -4.85 -39.90 6.69
N GLY A 305 -5.30 -40.83 7.53
CA GLY A 305 -4.57 -41.14 8.75
C GLY A 305 -3.45 -42.12 8.46
N VAL A 306 -3.02 -42.84 9.49
CA VAL A 306 -1.94 -43.81 9.34
C VAL A 306 -2.50 -45.23 9.26
N MET B 1 23.22 11.89 -6.17
CA MET B 1 21.81 12.35 -6.15
C MET B 1 21.10 11.99 -7.44
N TRP B 2 20.57 10.77 -7.51
CA TRP B 2 19.84 10.31 -8.69
C TRP B 2 18.32 10.35 -8.43
N PHE B 3 17.61 11.26 -9.10
CA PHE B 3 16.16 11.38 -8.94
C PHE B 3 15.47 10.04 -9.24
N ARG B 4 14.34 9.79 -8.57
CA ARG B 4 13.59 8.56 -8.77
C ARG B 4 12.31 8.80 -9.55
N ASN B 5 11.83 10.03 -9.50
CA ASN B 5 10.62 10.43 -10.19
C ASN B 5 10.85 11.82 -10.73
N LEU B 6 10.21 12.11 -11.86
CA LEU B 6 10.38 13.41 -12.47
C LEU B 6 9.08 14.04 -12.91
N LEU B 7 8.98 15.34 -12.67
CA LEU B 7 7.86 16.15 -13.06
C LEU B 7 8.49 17.41 -13.62
N VAL B 8 8.34 17.60 -14.93
CA VAL B 8 8.93 18.73 -15.64
C VAL B 8 8.03 19.95 -15.76
N TYR B 9 8.61 21.12 -15.56
CA TYR B 9 7.88 22.39 -15.66
C TYR B 9 8.67 23.40 -16.51
N ARG B 10 7.96 24.11 -17.37
CA ARG B 10 8.55 25.10 -18.27
C ARG B 10 8.70 26.46 -17.62
N LEU B 11 9.91 27.01 -17.68
CA LEU B 11 10.14 28.35 -17.16
C LEU B 11 9.59 29.22 -18.29
N THR B 12 8.48 29.91 -18.02
CA THR B 12 7.84 30.76 -19.04
C THR B 12 8.66 32.01 -19.41
N GLN B 13 9.41 32.53 -18.46
CA GLN B 13 10.19 33.73 -18.71
C GLN B 13 11.68 33.53 -18.46
N ASP B 14 12.02 32.44 -17.77
CA ASP B 14 13.40 32.13 -17.44
C ASP B 14 14.02 33.38 -16.80
N LEU B 15 13.22 34.04 -15.96
CA LEU B 15 13.65 35.25 -15.26
C LEU B 15 14.93 34.93 -14.48
N GLN B 16 15.84 35.90 -14.46
CA GLN B 16 17.12 35.73 -13.80
C GLN B 16 17.05 35.36 -12.32
N LEU B 17 18.10 34.67 -11.87
CA LEU B 17 18.22 34.20 -10.50
C LEU B 17 19.68 34.15 -10.06
N ASP B 18 19.94 34.55 -8.83
CA ASP B 18 21.30 34.54 -8.30
C ASP B 18 21.41 33.56 -7.15
N ALA B 19 22.56 32.90 -7.05
CA ALA B 19 22.81 31.92 -6.00
C ALA B 19 22.61 32.52 -4.59
N ASP B 20 22.97 33.79 -4.45
CA ASP B 20 22.83 34.47 -3.16
C ASP B 20 21.41 34.96 -2.93
N SER B 21 20.82 35.55 -3.98
CA SER B 21 19.46 36.06 -3.90
C SER B 21 18.47 34.95 -3.58
N LEU B 22 18.77 33.76 -4.10
CA LEU B 22 17.94 32.57 -3.92
C LEU B 22 18.12 32.01 -2.49
N GLU B 23 19.36 31.66 -2.17
CA GLU B 23 19.75 31.11 -0.88
C GLU B 23 19.14 31.81 0.34
N LYS B 24 19.10 33.13 0.33
CA LYS B 24 18.53 33.86 1.46
C LYS B 24 17.03 34.03 1.31
N ALA B 25 16.55 33.84 0.09
CA ALA B 25 15.12 33.93 -0.19
C ALA B 25 14.46 32.68 0.38
N LEU B 26 15.14 31.56 0.22
CA LEU B 26 14.67 30.27 0.71
C LEU B 26 14.71 30.22 2.23
N GLY B 27 15.45 31.14 2.84
CA GLY B 27 15.56 31.18 4.29
C GLY B 27 14.34 31.77 4.96
N GLU B 28 13.56 32.53 4.21
CA GLU B 28 12.36 33.16 4.73
C GLU B 28 11.26 32.13 5.00
N LYS B 29 11.25 31.09 4.17
CA LYS B 29 10.26 30.02 4.28
C LYS B 29 11.02 28.71 4.52
N SER B 30 11.87 28.72 5.53
CA SER B 30 12.70 27.58 5.89
C SER B 30 11.90 26.50 6.61
N ALA B 31 12.57 25.42 6.99
CA ALA B 31 11.94 24.31 7.68
C ALA B 31 12.19 24.40 9.19
N ARG B 32 11.11 24.36 9.96
CA ARG B 32 11.20 24.43 11.42
C ARG B 32 10.59 23.19 12.05
N PRO B 33 10.91 22.92 13.32
CA PRO B 33 10.32 21.74 13.95
C PRO B 33 8.83 21.99 14.19
N CYS B 34 8.05 20.92 14.14
CA CYS B 34 6.62 21.02 14.34
C CYS B 34 6.30 21.16 15.83
N ALA B 35 5.55 22.21 16.18
CA ALA B 35 5.16 22.47 17.57
C ALA B 35 4.38 21.30 18.17
N SER B 36 4.12 21.36 19.47
CA SER B 36 3.39 20.30 20.16
C SER B 36 1.90 20.21 19.85
N GLN B 37 1.28 21.34 19.52
CA GLN B 37 -0.14 21.33 19.17
C GLN B 37 -0.29 21.65 17.70
N GLU B 38 0.80 21.45 16.96
CA GLU B 38 0.85 21.73 15.53
C GLU B 38 0.80 20.44 14.71
N LEU B 39 -0.08 20.42 13.72
CA LEU B 39 -0.22 19.23 12.87
C LEU B 39 0.88 19.08 11.83
N THR B 40 1.24 20.16 11.18
CA THR B 40 2.27 20.08 10.15
C THR B 40 3.06 21.36 9.86
N THR B 41 4.28 21.18 9.36
CA THR B 41 5.17 22.28 9.01
C THR B 41 5.86 21.95 7.67
N TYR B 42 5.98 22.95 6.81
CA TYR B 42 6.60 22.75 5.49
C TYR B 42 7.58 23.88 5.19
N GLY B 43 8.83 23.51 4.91
CA GLY B 43 9.85 24.50 4.60
C GLY B 43 11.11 23.91 4.01
N PHE B 44 11.95 24.76 3.41
CA PHE B 44 13.19 24.31 2.79
C PHE B 44 14.29 23.95 3.78
N THR B 45 15.16 23.04 3.36
CA THR B 45 16.29 22.59 4.16
C THR B 45 17.45 22.27 3.23
N ALA B 46 18.63 22.08 3.80
CA ALA B 46 19.81 21.79 3.01
C ALA B 46 19.67 20.45 2.30
N PRO B 47 19.81 20.45 0.96
CA PRO B 47 19.71 19.24 0.14
C PRO B 47 20.77 18.23 0.54
N PHE B 48 22.03 18.65 0.48
CA PHE B 48 23.16 17.80 0.84
C PHE B 48 23.79 18.27 2.16
N GLY B 49 24.47 17.35 2.83
CA GLY B 49 25.13 17.68 4.08
C GLY B 49 24.26 17.98 5.29
N LYS B 50 23.80 19.23 5.37
CA LYS B 50 22.97 19.72 6.46
C LYS B 50 23.82 20.06 7.69
N GLY B 51 23.28 20.89 8.57
CA GLY B 51 23.99 21.30 9.75
C GLY B 51 24.08 22.81 9.73
N PRO B 52 23.27 23.52 10.54
CA PRO B 52 23.20 24.98 10.65
C PRO B 52 24.41 25.76 10.11
N ASP B 53 24.57 25.72 8.80
CA ASP B 53 25.65 26.38 8.07
C ASP B 53 25.64 25.78 6.66
N ALA B 54 24.95 24.65 6.53
CA ALA B 54 24.82 23.97 5.25
C ALA B 54 23.88 24.79 4.38
N PRO B 55 24.20 24.94 3.08
CA PRO B 55 23.37 25.72 2.16
C PRO B 55 22.04 25.12 1.73
N LEU B 56 21.04 25.99 1.62
CA LEU B 56 19.70 25.58 1.18
C LEU B 56 19.77 25.27 -0.30
N VAL B 57 20.52 26.08 -1.04
CA VAL B 57 20.70 25.89 -2.47
C VAL B 57 22.05 25.21 -2.70
N HIS B 58 22.15 24.46 -3.79
CA HIS B 58 23.40 23.77 -4.10
C HIS B 58 23.65 23.93 -5.59
N VAL B 59 24.85 24.36 -5.96
CA VAL B 59 25.17 24.59 -7.36
C VAL B 59 26.24 23.68 -7.96
N SER B 60 26.26 23.64 -9.29
CA SER B 60 27.22 22.87 -10.07
C SER B 60 26.92 23.16 -11.54
N GLN B 61 27.94 23.59 -12.27
CA GLN B 61 27.81 23.90 -13.69
C GLN B 61 26.54 24.69 -14.03
N ASP B 62 26.15 25.58 -13.12
CA ASP B 62 24.98 26.45 -13.26
C ASP B 62 23.66 25.74 -12.94
N PHE B 63 23.76 24.58 -12.30
CA PHE B 63 22.57 23.84 -11.93
C PHE B 63 22.34 24.05 -10.43
N PHE B 64 21.09 24.21 -10.04
CA PHE B 64 20.75 24.42 -8.64
C PHE B 64 19.92 23.24 -8.12
N LEU B 65 20.13 22.89 -6.86
CA LEU B 65 19.40 21.79 -6.23
C LEU B 65 18.81 22.25 -4.91
N ILE B 66 17.50 22.37 -4.83
CA ILE B 66 16.86 22.77 -3.58
C ILE B 66 16.07 21.60 -2.98
N SER B 67 15.54 21.78 -1.78
CA SER B 67 14.79 20.73 -1.10
C SER B 67 13.84 21.31 -0.06
N ALA B 68 12.61 20.81 -0.03
CA ALA B 68 11.61 21.28 0.92
C ALA B 68 11.15 20.15 1.84
N ARG B 69 11.52 20.25 3.12
CA ARG B 69 11.15 19.25 4.11
C ARG B 69 9.80 19.52 4.76
N LYS B 70 9.09 18.43 5.06
CA LYS B 70 7.78 18.51 5.70
C LYS B 70 7.74 17.67 6.96
N GLU B 71 7.21 18.26 8.04
CA GLU B 71 7.08 17.58 9.31
C GLU B 71 5.62 17.52 9.70
N GLU B 72 5.15 16.35 10.11
CA GLU B 72 3.77 16.21 10.53
C GLU B 72 3.72 15.14 11.61
N ARG B 73 3.03 15.47 12.69
CA ARG B 73 2.91 14.52 13.80
C ARG B 73 2.02 13.37 13.36
N ILE B 74 2.46 12.15 13.63
CA ILE B 74 1.65 10.99 13.26
C ILE B 74 0.67 10.61 14.36
N LEU B 75 -0.61 10.82 14.09
CA LEU B 75 -1.67 10.50 15.03
C LEU B 75 -2.76 9.85 14.20
N PRO B 76 -2.66 8.53 13.98
CA PRO B 76 -3.66 7.81 13.19
C PRO B 76 -5.08 7.94 13.73
N GLY B 77 -6.06 7.98 12.82
CA GLY B 77 -7.45 8.08 13.24
C GLY B 77 -7.81 6.87 14.07
N SER B 78 -7.13 5.76 13.80
CA SER B 78 -7.34 4.50 14.52
C SER B 78 -7.09 4.70 16.00
N VAL B 79 -5.98 5.34 16.31
CA VAL B 79 -5.59 5.60 17.68
C VAL B 79 -6.57 6.54 18.36
N VAL B 80 -6.98 7.58 17.65
CA VAL B 80 -7.92 8.54 18.18
C VAL B 80 -9.21 7.82 18.59
N ARG B 81 -9.80 7.10 17.65
CA ARG B 81 -11.04 6.37 17.92
C ARG B 81 -10.96 5.43 19.12
N ASP B 82 -9.85 4.73 19.28
CA ASP B 82 -9.67 3.83 20.41
C ASP B 82 -9.61 4.60 21.72
N ALA B 83 -9.03 5.79 21.66
CA ALA B 83 -8.90 6.65 22.83
C ALA B 83 -10.26 7.25 23.14
N LEU B 84 -10.99 7.57 22.09
CA LEU B 84 -12.32 8.15 22.24
C LEU B 84 -13.18 7.16 23.00
N LYS B 85 -13.20 5.93 22.50
CA LYS B 85 -13.98 4.85 23.08
C LYS B 85 -13.64 4.59 24.54
N GLU B 86 -12.35 4.56 24.86
CA GLU B 86 -11.94 4.31 26.23
C GLU B 86 -12.45 5.40 27.17
N LYS B 87 -12.38 6.65 26.69
CA LYS B 87 -12.84 7.78 27.50
C LYS B 87 -14.35 7.68 27.70
N VAL B 88 -15.07 7.45 26.61
CA VAL B 88 -16.51 7.33 26.65
C VAL B 88 -16.88 6.23 27.64
N ASP B 89 -16.20 5.10 27.57
CA ASP B 89 -16.48 3.99 28.48
C ASP B 89 -16.27 4.44 29.93
N GLU B 90 -15.18 5.16 30.15
CA GLU B 90 -14.81 5.66 31.48
C GLU B 90 -15.92 6.56 32.05
N ILE B 91 -16.39 7.51 31.24
CA ILE B 91 -17.43 8.42 31.67
C ILE B 91 -18.74 7.71 32.01
N GLU B 92 -19.17 6.80 31.13
CA GLU B 92 -20.41 6.08 31.35
C GLU B 92 -20.41 5.15 32.55
N ALA B 93 -19.24 4.70 32.96
CA ALA B 93 -19.15 3.82 34.11
C ALA B 93 -19.01 4.65 35.38
N GLN B 94 -18.15 5.67 35.30
CA GLN B 94 -17.89 6.53 36.45
C GLN B 94 -18.92 7.66 36.67
N GLN B 95 -19.65 8.03 35.62
CA GLN B 95 -20.65 9.07 35.76
C GLN B 95 -22.06 8.54 35.61
N MET B 96 -22.18 7.27 35.23
CA MET B 96 -23.49 6.61 35.03
C MET B 96 -24.44 7.43 34.14
N ARG B 97 -23.95 7.79 32.95
CA ARG B 97 -24.76 8.53 32.00
C ARG B 97 -24.26 8.16 30.61
N LYS B 98 -25.12 8.29 29.60
CA LYS B 98 -24.72 7.97 28.23
C LYS B 98 -24.18 9.19 27.47
N VAL B 99 -23.07 8.99 26.79
CA VAL B 99 -22.45 10.07 26.03
C VAL B 99 -22.93 10.00 24.58
N TYR B 100 -23.66 11.03 24.15
CA TYR B 100 -24.19 11.05 22.78
C TYR B 100 -23.30 11.73 21.76
N LYS B 101 -23.66 11.51 20.49
CA LYS B 101 -22.93 12.04 19.33
C LYS B 101 -22.30 13.41 19.52
N LYS B 102 -23.12 14.44 19.76
CA LYS B 102 -22.59 15.78 19.94
C LYS B 102 -21.43 15.84 20.94
N GLU B 103 -21.63 15.27 22.13
CA GLU B 103 -20.59 15.28 23.14
C GLU B 103 -19.34 14.44 22.80
N ARG B 104 -19.51 13.35 22.06
CA ARG B 104 -18.37 12.52 21.69
C ARG B 104 -17.47 13.22 20.68
N ASP B 105 -18.08 14.01 19.77
CA ASP B 105 -17.31 14.74 18.78
C ASP B 105 -16.51 15.81 19.51
N GLN B 106 -17.08 16.29 20.62
CA GLN B 106 -16.42 17.31 21.42
C GLN B 106 -15.22 16.67 22.12
N LEU B 107 -15.45 15.49 22.71
CA LEU B 107 -14.38 14.77 23.41
C LEU B 107 -13.32 14.27 22.44
N LYS B 108 -13.65 14.26 21.15
CA LYS B 108 -12.71 13.81 20.13
C LYS B 108 -11.63 14.88 19.99
N ASP B 109 -12.05 16.13 19.86
CA ASP B 109 -11.16 17.28 19.73
C ASP B 109 -10.23 17.35 20.94
N GLU B 110 -10.83 17.19 22.12
CA GLU B 110 -10.10 17.21 23.38
C GLU B 110 -9.04 16.12 23.41
N ILE B 111 -9.35 14.98 22.79
CA ILE B 111 -8.42 13.86 22.76
C ILE B 111 -7.28 14.10 21.79
N VAL B 112 -7.59 14.66 20.63
CA VAL B 112 -6.58 14.93 19.63
C VAL B 112 -5.51 15.86 20.19
N GLN B 113 -5.93 16.92 20.86
CA GLN B 113 -4.98 17.86 21.43
C GLN B 113 -4.21 17.30 22.61
N THR B 114 -4.73 16.23 23.22
CA THR B 114 -4.03 15.61 24.35
C THR B 114 -3.00 14.62 23.82
N LEU B 115 -3.26 14.07 22.64
CA LEU B 115 -2.36 13.09 22.05
C LEU B 115 -1.25 13.65 21.16
N LEU B 116 -1.50 14.79 20.51
CA LEU B 116 -0.51 15.40 19.62
C LEU B 116 0.92 15.48 20.16
N PRO B 117 1.09 16.17 21.29
CA PRO B 117 2.42 16.32 21.91
C PRO B 117 3.18 15.01 22.03
N ARG B 118 2.46 13.91 22.06
CA ARG B 118 3.05 12.60 22.21
C ARG B 118 3.30 11.89 20.88
N ALA B 119 2.80 12.48 19.80
CA ALA B 119 2.94 11.89 18.48
C ALA B 119 4.31 12.07 17.82
N PHE B 120 4.91 10.95 17.44
CA PHE B 120 6.20 10.95 16.77
C PHE B 120 6.05 11.84 15.53
N ILE B 121 7.17 12.23 14.94
CA ILE B 121 7.12 13.09 13.76
C ILE B 121 7.66 12.38 12.53
N ARG B 122 7.01 12.60 11.39
CA ARG B 122 7.47 12.01 10.15
C ARG B 122 8.11 13.10 9.31
N ARG B 123 9.29 12.82 8.78
CA ARG B 123 10.01 13.77 7.97
C ARG B 123 10.12 13.27 6.54
N SER B 124 9.58 14.06 5.62
CA SER B 124 9.61 13.73 4.22
C SER B 124 10.17 14.93 3.46
N SER B 125 11.06 14.65 2.51
CA SER B 125 11.67 15.71 1.72
C SER B 125 11.30 15.63 0.25
N THR B 126 11.14 16.79 -0.37
CA THR B 126 10.80 16.86 -1.77
C THR B 126 11.87 17.67 -2.50
N PHE B 127 12.77 16.98 -3.19
CA PHE B 127 13.83 17.62 -3.95
C PHE B 127 13.37 18.20 -5.28
N ALA B 128 13.96 19.33 -5.66
CA ALA B 128 13.66 19.98 -6.93
C ALA B 128 14.95 20.56 -7.51
N ALA B 129 14.93 20.81 -8.83
CA ALA B 129 16.09 21.37 -9.52
C ALA B 129 15.66 22.58 -10.35
N ILE B 130 16.59 23.50 -10.57
CA ILE B 130 16.32 24.69 -11.37
C ILE B 130 17.50 24.85 -12.32
N ALA B 131 17.26 24.57 -13.60
CA ALA B 131 18.32 24.69 -14.60
C ALA B 131 17.96 25.83 -15.55
N PRO B 132 18.25 27.07 -15.14
CA PRO B 132 17.95 28.25 -15.97
C PRO B 132 18.52 28.07 -17.37
N SER B 133 19.61 27.32 -17.45
CA SER B 133 20.26 27.04 -18.72
C SER B 133 19.39 26.15 -19.61
N LEU B 134 18.54 25.34 -18.98
CA LEU B 134 17.60 24.45 -19.66
C LEU B 134 16.19 25.05 -19.66
N GLY B 135 16.04 26.16 -18.95
CA GLY B 135 14.76 26.84 -18.88
C GLY B 135 13.65 26.01 -18.25
N LEU B 136 14.03 25.08 -17.38
CA LEU B 136 13.05 24.21 -16.71
C LEU B 136 13.29 24.05 -15.21
N ILE B 137 12.29 23.47 -14.54
CA ILE B 137 12.34 23.17 -13.11
C ILE B 137 11.93 21.70 -12.98
N LEU B 138 12.80 20.92 -12.37
CA LEU B 138 12.55 19.49 -12.22
C LEU B 138 12.33 19.06 -10.77
N VAL B 139 11.15 18.51 -10.49
CA VAL B 139 10.81 18.04 -9.15
C VAL B 139 10.98 16.52 -9.06
N ASP B 140 11.60 16.06 -7.97
CA ASP B 140 11.83 14.64 -7.77
C ASP B 140 10.63 13.98 -7.10
N SER B 141 9.48 14.07 -7.76
CA SER B 141 8.25 13.50 -7.23
C SER B 141 7.36 12.91 -8.32
N ALA B 142 6.39 12.10 -7.89
CA ALA B 142 5.45 11.48 -8.81
C ALA B 142 4.10 12.15 -8.54
N SER B 143 3.95 12.66 -7.33
CA SER B 143 2.73 13.33 -6.92
C SER B 143 2.72 14.79 -7.36
N ALA B 144 1.77 15.15 -8.20
CA ALA B 144 1.65 16.53 -8.66
C ALA B 144 1.36 17.41 -7.46
N LYS B 145 0.63 16.85 -6.49
CA LYS B 145 0.27 17.58 -5.27
C LYS B 145 1.57 18.03 -4.61
N LYS B 146 2.39 17.07 -4.23
CA LYS B 146 3.68 17.34 -3.59
C LYS B 146 4.51 18.33 -4.40
N ALA B 147 4.38 18.25 -5.72
CA ALA B 147 5.11 19.15 -6.62
C ALA B 147 4.58 20.57 -6.49
N GLU B 148 3.26 20.70 -6.30
CA GLU B 148 2.65 22.01 -6.16
C GLU B 148 3.11 22.67 -4.89
N ASP B 149 3.13 21.90 -3.80
CA ASP B 149 3.55 22.42 -2.51
C ASP B 149 4.96 23.00 -2.61
N LEU B 150 5.87 22.23 -3.20
CA LEU B 150 7.25 22.65 -3.36
C LEU B 150 7.27 23.95 -4.16
N LEU B 151 6.62 23.94 -5.32
CA LEU B 151 6.57 25.12 -6.18
C LEU B 151 5.77 26.28 -5.57
N SER B 152 4.71 25.95 -4.84
CA SER B 152 3.86 26.96 -4.20
C SER B 152 4.59 27.59 -3.01
N THR B 153 5.51 26.84 -2.42
CA THR B 153 6.27 27.34 -1.30
C THR B 153 7.49 28.11 -1.81
N LEU B 154 7.93 27.76 -3.01
CA LEU B 154 9.05 28.43 -3.65
C LEU B 154 8.50 29.73 -4.23
N ARG B 155 7.19 29.70 -4.49
CA ARG B 155 6.46 30.84 -5.04
C ARG B 155 6.36 31.95 -4.00
N GLU B 156 6.45 31.56 -2.74
CA GLU B 156 6.38 32.53 -1.65
C GLU B 156 7.77 33.08 -1.37
N ALA B 157 8.75 32.19 -1.38
CA ALA B 157 10.13 32.59 -1.14
C ALA B 157 10.70 33.22 -2.41
N LEU B 158 9.86 33.91 -3.17
CA LEU B 158 10.31 34.52 -4.40
C LEU B 158 9.35 35.60 -4.90
N GLY B 159 8.07 35.46 -4.56
CA GLY B 159 7.08 36.44 -4.98
C GLY B 159 6.60 36.23 -6.40
N SER B 160 7.49 35.74 -7.25
CA SER B 160 7.16 35.50 -8.66
C SER B 160 7.88 34.27 -9.23
N LEU B 161 7.11 33.31 -9.71
CA LEU B 161 7.66 32.09 -10.30
C LEU B 161 6.92 31.72 -11.59
N PRO B 162 7.33 32.33 -12.72
CA PRO B 162 6.70 32.06 -14.02
C PRO B 162 6.94 30.62 -14.50
N VAL B 163 6.05 29.72 -14.13
CA VAL B 163 6.19 28.31 -14.55
C VAL B 163 4.86 27.62 -14.79
N ARG B 164 4.86 26.74 -15.79
CA ARG B 164 3.69 25.96 -16.16
C ARG B 164 4.11 24.50 -16.31
N PRO B 165 3.17 23.56 -16.11
CA PRO B 165 3.50 22.13 -16.23
C PRO B 165 3.86 21.80 -17.68
N LEU B 166 4.85 20.94 -17.90
CA LEU B 166 5.23 20.58 -19.27
C LEU B 166 3.99 20.13 -20.02
N SER B 167 3.96 20.47 -21.30
CA SER B 167 2.84 20.11 -22.16
C SER B 167 3.38 19.76 -23.55
N VAL B 168 2.80 18.73 -24.17
CA VAL B 168 3.25 18.33 -25.49
C VAL B 168 2.16 18.57 -26.52
N LYS B 169 2.56 18.67 -27.78
CA LYS B 169 1.61 18.90 -28.87
C LYS B 169 0.53 17.81 -28.92
N VAL B 170 0.96 16.59 -29.17
CA VAL B 170 0.08 15.43 -29.27
C VAL B 170 -0.20 14.78 -27.92
N ALA B 171 -1.44 14.36 -27.68
CA ALA B 171 -1.79 13.70 -26.42
C ALA B 171 -0.86 12.51 -26.26
N PRO B 172 -0.26 12.35 -25.06
CA PRO B 172 0.65 11.24 -24.81
C PRO B 172 0.05 9.85 -25.06
N THR B 173 -1.14 9.62 -24.55
CA THR B 173 -1.80 8.34 -24.72
C THR B 173 -1.85 7.91 -26.20
N ALA B 174 -2.05 8.87 -27.10
CA ALA B 174 -2.11 8.58 -28.53
C ALA B 174 -0.73 8.20 -29.02
N THR B 175 0.27 8.91 -28.51
CA THR B 175 1.66 8.67 -28.89
C THR B 175 2.14 7.33 -28.33
N LEU B 176 1.75 7.06 -27.08
CA LEU B 176 2.14 5.81 -26.44
C LEU B 176 1.46 4.64 -27.12
N THR B 177 0.18 4.79 -27.42
CA THR B 177 -0.55 3.72 -28.09
C THR B 177 0.07 3.39 -29.44
N ASP B 178 0.40 4.43 -30.20
CA ASP B 178 0.99 4.26 -31.52
C ASP B 178 2.30 3.50 -31.42
N TRP B 179 3.07 3.86 -30.40
CA TRP B 179 4.34 3.21 -30.19
C TRP B 179 4.19 1.71 -29.99
N VAL B 180 3.21 1.31 -29.20
CA VAL B 180 2.97 -0.11 -28.95
C VAL B 180 2.33 -0.77 -30.16
N LYS B 181 1.39 -0.05 -30.76
CA LYS B 181 0.67 -0.53 -31.93
C LYS B 181 1.62 -0.87 -33.06
N THR B 182 2.55 0.05 -33.35
CA THR B 182 3.51 -0.17 -34.43
C THR B 182 4.78 -0.88 -33.97
N GLN B 183 4.91 -1.09 -32.67
CA GLN B 183 6.08 -1.77 -32.15
C GLN B 183 7.36 -1.00 -32.47
N GLU B 184 7.32 0.30 -32.24
CA GLU B 184 8.46 1.19 -32.48
C GLU B 184 8.16 2.58 -31.93
N ALA B 185 9.12 3.14 -31.21
CA ALA B 185 8.96 4.46 -30.62
C ALA B 185 9.94 5.45 -31.25
N ALA B 186 9.71 6.74 -31.01
CA ALA B 186 10.58 7.78 -31.56
C ALA B 186 12.06 7.51 -31.25
N GLY B 187 12.92 7.80 -32.23
CA GLY B 187 14.35 7.61 -32.11
C GLY B 187 15.03 7.50 -30.76
N ASP B 188 15.69 6.36 -30.54
CA ASP B 188 16.42 6.04 -29.32
C ASP B 188 15.62 5.54 -28.12
N PHE B 189 14.31 5.77 -28.12
CA PHE B 189 13.48 5.27 -27.03
C PHE B 189 13.15 3.81 -27.31
N HIS B 190 12.98 3.03 -26.25
CA HIS B 190 12.67 1.64 -26.38
C HIS B 190 11.48 1.27 -25.50
N VAL B 191 10.46 0.65 -26.10
CA VAL B 191 9.30 0.22 -25.34
C VAL B 191 9.79 -0.99 -24.56
N LEU B 192 9.68 -0.95 -23.23
CA LEU B 192 10.12 -2.06 -22.41
C LEU B 192 9.06 -3.15 -22.25
N ASP B 193 8.97 -3.76 -21.07
CA ASP B 193 8.00 -4.84 -20.90
C ASP B 193 6.88 -4.58 -19.92
N GLU B 194 6.51 -3.32 -19.73
CA GLU B 194 5.44 -3.00 -18.82
C GLU B 194 4.56 -1.85 -19.31
N CYS B 195 3.26 -1.95 -19.02
CA CYS B 195 2.33 -0.91 -19.43
C CYS B 195 0.97 -1.09 -18.75
N GLU B 196 0.11 -0.10 -18.95
CA GLU B 196 -1.24 -0.13 -18.41
C GLU B 196 -2.17 0.28 -19.53
N LEU B 197 -3.07 -0.63 -19.91
CA LEU B 197 -4.01 -0.35 -20.98
C LEU B 197 -5.39 -0.10 -20.38
N ARG B 198 -6.15 0.81 -20.97
CA ARG B 198 -7.48 1.04 -20.42
C ARG B 198 -8.51 1.67 -21.34
N ASP B 199 -9.75 1.26 -21.16
CA ASP B 199 -10.84 1.80 -21.95
C ASP B 199 -10.97 3.27 -21.63
N THR B 200 -11.61 4.02 -22.51
CA THR B 200 -11.76 5.45 -22.31
C THR B 200 -12.87 5.85 -21.34
N HIS B 201 -13.95 5.08 -21.24
CA HIS B 201 -15.01 5.43 -20.31
C HIS B 201 -14.52 5.25 -18.86
N GLU B 202 -15.21 5.91 -17.92
CA GLU B 202 -14.82 5.87 -16.51
C GLU B 202 -14.76 4.51 -15.84
N ASP B 203 -15.84 3.74 -15.95
CA ASP B 203 -15.84 2.42 -15.34
C ASP B 203 -15.40 1.41 -16.38
N GLY B 204 -14.56 1.88 -17.30
CA GLY B 204 -14.05 1.04 -18.35
C GLY B 204 -13.06 -0.01 -17.85
N GLY B 205 -12.64 -0.88 -18.75
CA GLY B 205 -11.70 -1.92 -18.35
C GLY B 205 -10.29 -1.43 -18.08
N VAL B 206 -9.54 -2.23 -17.33
CA VAL B 206 -8.16 -1.89 -17.06
C VAL B 206 -7.32 -3.17 -17.07
N VAL B 207 -6.25 -3.15 -17.85
CA VAL B 207 -5.34 -4.29 -17.98
C VAL B 207 -3.91 -3.85 -17.67
N ARG B 208 -3.26 -4.53 -16.73
CA ARG B 208 -1.88 -4.21 -16.36
C ARG B 208 -0.95 -5.34 -16.70
N CYS B 209 0.13 -4.99 -17.39
CA CYS B 209 1.12 -5.94 -17.85
C CYS B 209 2.51 -5.78 -17.24
N LYS B 210 3.02 -6.85 -16.63
CA LYS B 210 4.36 -6.87 -16.05
C LYS B 210 5.15 -7.94 -16.76
N ARG B 211 6.43 -7.67 -17.03
CA ARG B 211 7.31 -8.62 -17.71
C ARG B 211 6.68 -9.23 -18.96
N GLN B 212 5.97 -8.41 -19.73
CA GLN B 212 5.31 -8.88 -20.93
C GLN B 212 5.99 -8.40 -22.22
N ASP B 213 5.96 -9.25 -23.23
CA ASP B 213 6.52 -8.90 -24.52
C ASP B 213 5.43 -8.05 -25.14
N LEU B 214 5.61 -6.73 -25.12
CA LEU B 214 4.59 -5.84 -25.66
C LEU B 214 4.43 -5.89 -27.18
N THR B 215 5.12 -6.82 -27.84
CA THR B 215 5.00 -6.95 -29.29
C THR B 215 4.14 -8.16 -29.64
N SER B 216 3.58 -8.82 -28.63
CA SER B 216 2.75 -10.00 -28.87
C SER B 216 1.37 -9.67 -29.41
N GLU B 217 0.77 -10.65 -30.10
CA GLU B 217 -0.54 -10.52 -30.68
C GLU B 217 -1.57 -10.24 -29.59
N GLU B 218 -1.24 -10.70 -28.38
CA GLU B 218 -2.10 -10.55 -27.21
C GLU B 218 -2.34 -9.06 -26.87
N ILE B 219 -1.26 -8.28 -26.86
CA ILE B 219 -1.36 -6.86 -26.56
C ILE B 219 -2.12 -6.15 -27.66
N GLN B 220 -1.81 -6.55 -28.90
CA GLN B 220 -2.44 -5.97 -30.07
C GLN B 220 -3.96 -6.02 -30.00
N LEU B 221 -4.48 -7.17 -29.59
CA LEU B 221 -5.92 -7.34 -29.49
C LEU B 221 -6.58 -6.32 -28.55
N HIS B 222 -5.90 -5.99 -27.45
CA HIS B 222 -6.37 -5.00 -26.47
C HIS B 222 -6.51 -3.64 -27.14
N LEU B 223 -5.55 -3.35 -28.01
CA LEU B 223 -5.51 -2.09 -28.74
C LEU B 223 -6.59 -1.95 -29.80
N THR B 224 -6.84 -3.02 -30.56
CA THR B 224 -7.88 -2.97 -31.59
C THR B 224 -9.26 -3.08 -30.96
N ALA B 225 -9.30 -3.38 -29.66
CA ALA B 225 -10.56 -3.49 -28.93
C ALA B 225 -10.93 -2.13 -28.33
N GLY B 226 -10.04 -1.15 -28.48
CA GLY B 226 -10.32 0.17 -27.97
C GLY B 226 -9.48 0.70 -26.82
N LYS B 227 -8.73 -0.19 -26.17
CA LYS B 227 -7.90 0.23 -25.04
C LYS B 227 -6.76 1.10 -25.50
N LEU B 228 -6.39 2.04 -24.62
CA LEU B 228 -5.31 2.97 -24.91
C LEU B 228 -4.21 2.78 -23.88
N VAL B 229 -2.98 3.04 -24.30
CA VAL B 229 -1.85 2.92 -23.42
C VAL B 229 -1.77 4.14 -22.52
N THR B 230 -2.05 3.98 -21.23
CA THR B 230 -1.97 5.08 -20.28
C THR B 230 -0.70 5.05 -19.42
N GLN B 231 0.01 3.93 -19.43
CA GLN B 231 1.28 3.80 -18.71
C GLN B 231 2.20 2.94 -19.56
N LEU B 232 3.47 3.32 -19.65
CA LEU B 232 4.42 2.58 -20.47
C LEU B 232 5.87 2.63 -19.99
N SER B 233 6.54 1.48 -19.95
CA SER B 233 7.95 1.38 -19.54
C SER B 233 8.81 1.74 -20.75
N LEU B 234 9.76 2.65 -20.55
CA LEU B 234 10.60 3.09 -21.63
C LEU B 234 12.04 3.22 -21.20
N ALA B 235 12.94 2.98 -22.15
CA ALA B 235 14.37 3.09 -21.93
C ALA B 235 14.81 4.16 -22.90
N TRP B 236 15.92 4.82 -22.61
CA TRP B 236 16.43 5.83 -23.52
C TRP B 236 17.90 5.55 -23.82
N SER B 237 18.19 5.27 -25.09
CA SER B 237 19.56 4.96 -25.48
C SER B 237 19.99 3.83 -24.56
N ASP B 238 21.06 4.06 -23.79
CA ASP B 238 21.55 3.08 -22.82
C ASP B 238 21.90 3.85 -21.55
N LYS B 239 21.15 4.92 -21.32
CA LYS B 239 21.36 5.78 -20.17
C LYS B 239 20.43 5.50 -19.00
N LEU B 240 19.16 5.34 -19.27
CA LEU B 240 18.21 5.10 -18.20
C LEU B 240 16.90 4.54 -18.72
N SER B 241 16.07 4.09 -17.79
CA SER B 241 14.75 3.55 -18.13
C SER B 241 13.80 4.18 -17.13
N PHE B 242 12.53 4.24 -17.48
CA PHE B 242 11.53 4.85 -16.61
C PHE B 242 10.14 4.47 -17.10
N VAL B 243 9.13 4.96 -16.38
CA VAL B 243 7.73 4.72 -16.74
C VAL B 243 7.09 6.08 -17.03
N LEU B 244 6.32 6.15 -18.12
CA LEU B 244 5.65 7.39 -18.53
C LEU B 244 4.15 7.14 -18.60
N ASP B 245 3.36 8.01 -17.99
CA ASP B 245 1.92 7.85 -18.02
C ASP B 245 1.31 8.92 -18.93
N ASP B 246 -0.01 8.92 -19.08
CA ASP B 246 -0.66 9.89 -19.97
C ASP B 246 -0.92 11.26 -19.37
N LYS B 247 0.00 11.70 -18.51
CA LYS B 247 -0.07 13.01 -17.90
C LYS B 247 1.38 13.47 -17.85
N LEU B 248 2.22 12.72 -18.57
CA LEU B 248 3.64 12.97 -18.68
C LEU B 248 4.49 12.73 -17.43
N ALA B 249 3.88 12.19 -16.37
CA ALA B 249 4.63 11.93 -15.15
C ALA B 249 5.69 10.87 -15.46
N VAL B 250 6.91 11.14 -15.00
CA VAL B 250 8.02 10.22 -15.20
C VAL B 250 8.20 9.51 -13.87
N LYS B 251 7.90 8.22 -13.83
CA LYS B 251 8.00 7.47 -12.58
C LYS B 251 9.05 6.37 -12.67
N ARG B 252 9.52 5.92 -11.51
CA ARG B 252 10.53 4.86 -11.45
C ARG B 252 11.73 5.17 -12.36
N LEU B 253 12.28 6.36 -12.20
CA LEU B 253 13.42 6.81 -12.98
C LEU B 253 14.65 6.04 -12.48
N ARG B 254 15.25 5.24 -13.36
CA ARG B 254 16.40 4.46 -12.96
C ARG B 254 17.57 4.58 -13.95
N PHE B 255 18.66 5.23 -13.52
CA PHE B 255 19.84 5.42 -14.36
C PHE B 255 20.74 4.18 -14.36
N GLU B 256 21.22 3.80 -15.54
CA GLU B 256 22.07 2.62 -15.69
C GLU B 256 23.36 2.66 -14.84
N ASP B 257 23.78 1.47 -14.40
CA ASP B 257 24.98 1.30 -13.57
C ASP B 257 26.20 2.00 -14.12
N LEU B 258 26.44 1.84 -15.42
CA LEU B 258 27.58 2.47 -16.07
C LEU B 258 27.65 3.96 -15.74
N LEU B 259 26.50 4.64 -15.82
CA LEU B 259 26.44 6.07 -15.55
C LEU B 259 26.58 6.40 -14.06
N GLN B 260 26.19 5.46 -13.21
CA GLN B 260 26.29 5.67 -11.77
C GLN B 260 27.72 5.43 -11.28
N GLU B 261 28.36 4.39 -11.81
CA GLU B 261 29.73 4.05 -11.43
C GLU B 261 30.62 5.18 -11.94
N GLN B 262 30.18 5.78 -13.04
CA GLN B 262 30.90 6.87 -13.66
C GLN B 262 30.95 8.06 -12.71
N ALA B 263 29.82 8.76 -12.58
CA ALA B 263 29.72 9.95 -11.72
C ALA B 263 30.27 9.77 -10.32
N GLU B 264 30.27 8.53 -9.83
CA GLU B 264 30.78 8.28 -8.49
C GLU B 264 32.29 8.53 -8.45
N LYS B 265 32.87 8.76 -9.62
CA LYS B 265 34.29 9.03 -9.73
C LYS B 265 34.51 10.51 -10.07
N ASP B 266 33.94 11.37 -9.22
CA ASP B 266 34.05 12.82 -9.35
C ASP B 266 33.78 13.38 -7.95
N GLY B 267 33.91 12.49 -6.96
CA GLY B 267 33.71 12.85 -5.57
C GLY B 267 34.72 12.08 -4.74
N GLY B 268 35.21 11.00 -5.32
CA GLY B 268 36.21 10.17 -4.68
C GLY B 268 35.86 9.50 -3.36
N GLU B 269 36.29 10.09 -2.26
CA GLU B 269 36.06 9.51 -0.94
C GLU B 269 35.08 10.22 0.00
N ASP B 270 34.87 11.52 -0.20
CA ASP B 270 33.94 12.23 0.68
C ASP B 270 32.49 12.15 0.17
N ALA B 271 31.55 12.37 1.09
CA ALA B 271 30.13 12.33 0.75
C ALA B 271 29.70 13.44 -0.20
N LEU B 272 29.77 14.69 0.27
CA LEU B 272 29.38 15.85 -0.54
C LEU B 272 30.00 15.82 -1.93
N GLY B 273 31.11 15.09 -2.07
CA GLY B 273 31.75 15.00 -3.37
C GLY B 273 31.01 14.04 -4.28
N GLN B 274 30.60 12.92 -3.72
CA GLN B 274 29.88 11.89 -4.45
C GLN B 274 28.49 12.37 -4.88
N LEU B 275 27.84 13.12 -4.02
CA LEU B 275 26.50 13.65 -4.29
C LEU B 275 26.54 14.69 -5.41
N ASP B 276 27.46 15.64 -5.28
CA ASP B 276 27.62 16.71 -6.25
C ASP B 276 27.83 16.18 -7.67
N ALA B 277 28.67 15.16 -7.80
CA ALA B 277 28.97 14.54 -9.09
C ALA B 277 27.74 13.88 -9.68
N SER B 278 26.93 13.29 -8.81
CA SER B 278 25.71 12.62 -9.23
C SER B 278 24.67 13.60 -9.75
N PHE B 279 24.43 14.67 -9.00
CA PHE B 279 23.45 15.68 -9.40
C PHE B 279 23.92 16.35 -10.67
N THR B 280 25.21 16.26 -10.94
CA THR B 280 25.82 16.85 -12.13
C THR B 280 25.65 15.93 -13.35
N LEU B 281 26.19 14.72 -13.26
CA LEU B 281 26.09 13.78 -14.36
C LEU B 281 24.62 13.55 -14.72
N MET B 282 23.74 13.65 -13.71
CA MET B 282 22.30 13.47 -13.92
C MET B 282 21.79 14.65 -14.73
N MET B 283 22.00 15.86 -14.20
CA MET B 283 21.57 17.08 -14.86
C MET B 283 22.09 17.19 -16.28
N LEU B 284 23.32 16.72 -16.49
CA LEU B 284 23.93 16.75 -17.82
C LEU B 284 23.24 15.70 -18.70
N THR B 285 22.88 14.56 -18.10
CA THR B 285 22.20 13.49 -18.83
C THR B 285 20.79 13.99 -19.12
N PHE B 286 20.23 14.79 -18.22
CA PHE B 286 18.90 15.33 -18.42
C PHE B 286 18.90 16.33 -19.57
N ALA B 287 20.00 17.06 -19.73
CA ALA B 287 20.12 18.08 -20.77
C ALA B 287 19.89 17.54 -22.20
N GLU B 288 20.31 16.30 -22.42
CA GLU B 288 20.13 15.65 -23.73
C GLU B 288 18.90 14.72 -23.76
N PHE B 289 18.57 14.10 -22.63
CA PHE B 289 17.42 13.21 -22.55
C PHE B 289 16.09 13.97 -22.59
N LEU B 290 15.96 15.01 -21.78
CA LEU B 290 14.72 15.78 -21.72
C LEU B 290 14.27 16.37 -23.04
N PRO B 291 15.21 16.97 -23.81
CA PRO B 291 14.81 17.54 -25.11
C PRO B 291 14.42 16.44 -26.09
N ALA B 292 15.18 15.34 -26.06
CA ALA B 292 14.94 14.20 -26.94
C ALA B 292 13.56 13.62 -26.64
N LEU B 293 13.11 13.73 -25.40
CA LEU B 293 11.80 13.24 -24.99
C LEU B 293 10.73 14.14 -25.62
N PHE B 294 10.95 15.45 -25.54
CA PHE B 294 10.00 16.41 -26.11
C PHE B 294 9.79 16.12 -27.58
N GLU B 295 10.88 15.80 -28.28
CA GLU B 295 10.83 15.48 -29.70
C GLU B 295 10.17 14.14 -29.94
N ALA B 296 10.38 13.22 -29.00
CA ALA B 296 9.80 11.89 -29.09
C ALA B 296 8.28 12.00 -28.97
N LEU B 297 7.83 12.85 -28.05
CA LEU B 297 6.40 13.04 -27.83
C LEU B 297 5.81 13.99 -28.84
N GLY B 298 6.53 14.18 -29.94
CA GLY B 298 6.06 15.06 -30.99
C GLY B 298 6.06 16.53 -30.65
N GLY B 299 7.26 17.05 -30.38
CA GLY B 299 7.40 18.47 -30.05
C GLY B 299 6.66 18.97 -28.83
N GLU B 300 7.32 19.88 -28.11
CA GLU B 300 6.76 20.50 -26.91
C GLU B 300 5.73 21.55 -27.33
N GLU B 301 4.92 22.02 -26.39
CA GLU B 301 3.90 23.01 -26.70
C GLU B 301 3.92 24.23 -25.77
N ILE B 302 3.30 25.31 -26.25
CA ILE B 302 3.20 26.55 -25.51
C ILE B 302 1.72 26.94 -25.44
N PRO B 303 1.09 26.83 -24.26
CA PRO B 303 -0.33 27.16 -24.03
C PRO B 303 -0.72 28.64 -24.16
N GLN B 304 -2.04 28.90 -24.13
CA GLN B 304 -2.57 30.26 -24.26
C GLN B 304 -3.35 30.77 -23.04
N GLY B 305 -4.29 29.95 -22.54
CA GLY B 305 -5.08 30.36 -21.39
C GLY B 305 -4.27 30.46 -20.11
N VAL B 306 -3.23 31.31 -20.14
CA VAL B 306 -2.33 31.51 -19.01
C VAL B 306 -3.02 31.41 -17.65
#